data_4YQP
#
_entry.id   4YQP
#
_cell.length_a   94.775
_cell.length_b   94.775
_cell.length_c   178.306
_cell.angle_alpha   90.000
_cell.angle_beta   90.000
_cell.angle_gamma   120.000
#
_symmetry.space_group_name_H-M   'H 3 2'
#
loop_
_entity.id
_entity.type
_entity.pdbx_description
1 polymer 'tRNA (guanine-N(1)-)-methyltransferase'
2 non-polymer 6-{[2-(morpholin-4-yl)benzyl]amino}pyridine-3-carboxamide
3 water water
#
_entity_poly.entity_id   1
_entity_poly.type   'polypeptide(L)'
_entity_poly.pdbx_seq_one_letter_code
;GLVPRGSHMWIGVISLFPEMFKAITEFGVTGRAVKHNLLKVECWNPRDFTFDKHKTVDDRPYGGGPGMLMMVQPLRDAIH
TAKAAAGEGAKVIYLSPQGRKLDQGGVTELAQNQKLILVCGRYEGIDERLIQTEIDEEWSIGDYVLTGGELPAMTLIDAV
ARFIPGVLGKQASAEEDSFADGLLDCPHYTRPEVLEGLTVPPVLMSGHHEEIRKWRLKQSLQRTWLRRPELLEGLALTDE
QRKLLKEAQAEHNS
;
_entity_poly.pdbx_strand_id   A
#
loop_
_chem_comp.id
_chem_comp.type
_chem_comp.name
_chem_comp.formula
4H6 non-polymer 6-{[2-(morpholin-4-yl)benzyl]amino}pyridine-3-carboxamide 'C17 H20 N4 O2'
#
# COMPACT_ATOMS: atom_id res chain seq x y z
N GLY A 6 3.60 9.39 18.55
CA GLY A 6 2.82 10.63 18.59
C GLY A 6 1.46 10.41 17.96
N SER A 7 1.34 10.73 16.67
CA SER A 7 0.18 10.30 15.89
C SER A 7 0.45 8.89 15.34
N HIS A 8 1.03 8.01 16.16
CA HIS A 8 1.36 6.66 15.76
C HIS A 8 0.16 5.84 15.23
N MET A 9 0.44 4.62 14.80
CA MET A 9 -0.55 3.80 14.11
C MET A 9 -0.46 2.36 14.60
N TRP A 10 -1.62 1.75 14.86
CA TRP A 10 -1.66 0.35 15.22
C TRP A 10 -2.30 -0.47 14.10
N ILE A 11 -1.62 -1.53 13.69
CA ILE A 11 -2.18 -2.38 12.65
C ILE A 11 -2.23 -3.84 13.07
N GLY A 12 -3.44 -4.39 13.09
CA GLY A 12 -3.66 -5.78 13.38
C GLY A 12 -3.67 -6.61 12.10
N VAL A 13 -3.07 -7.78 12.16
CA VAL A 13 -3.00 -8.62 10.98
C VAL A 13 -3.47 -10.03 11.28
N ILE A 14 -4.40 -10.52 10.46
CA ILE A 14 -4.82 -11.90 10.52
C ILE A 14 -4.17 -12.62 9.32
N SER A 15 -3.34 -13.63 9.59
CA SER A 15 -2.58 -14.27 8.53
C SER A 15 -2.07 -15.63 8.93
N LEU A 16 -2.14 -16.58 8.00
CA LEU A 16 -1.51 -17.89 8.17
C LEU A 16 0.03 -17.83 8.10
N PHE A 17 0.57 -16.68 7.70
CA PHE A 17 2.02 -16.53 7.63
C PHE A 17 2.53 -15.24 8.23
N PRO A 18 2.35 -15.07 9.55
CA PRO A 18 2.74 -13.84 10.27
C PRO A 18 4.20 -13.51 10.07
N GLU A 19 5.05 -14.53 9.92
CA GLU A 19 6.47 -14.29 9.80
C GLU A 19 6.82 -13.54 8.52
N MET A 20 5.95 -13.62 7.52
CA MET A 20 6.10 -12.82 6.32
C MET A 20 6.24 -11.34 6.67
N PHE A 21 5.48 -10.89 7.67
CA PHE A 21 5.47 -9.47 8.05
C PHE A 21 6.80 -8.94 8.59
N LYS A 22 7.74 -9.84 8.86
CA LYS A 22 9.11 -9.45 9.18
C LYS A 22 9.72 -8.63 8.08
N ALA A 23 9.30 -8.85 6.84
CA ALA A 23 9.83 -8.08 5.71
C ALA A 23 9.65 -6.59 5.92
N ILE A 24 8.57 -6.18 6.57
CA ILE A 24 8.40 -4.75 6.86
C ILE A 24 8.74 -4.34 8.29
N THR A 25 8.65 -5.27 9.25
CA THR A 25 8.87 -4.88 10.66
C THR A 25 10.35 -4.84 11.06
N GLU A 26 11.20 -5.55 10.33
CA GLU A 26 12.60 -5.66 10.70
C GLU A 26 13.59 -4.96 9.76
N PHE A 27 13.11 -4.22 8.77
CA PHE A 27 14.02 -3.62 7.80
C PHE A 27 13.63 -2.23 7.34
N GLY A 28 14.64 -1.44 6.96
CA GLY A 28 14.43 -0.17 6.31
C GLY A 28 13.62 0.81 7.14
N VAL A 29 12.94 1.70 6.45
CA VAL A 29 12.18 2.75 7.10
C VAL A 29 11.04 2.18 7.96
N THR A 30 10.35 1.15 7.48
CA THR A 30 9.22 0.62 8.24
C THR A 30 9.75 -0.05 9.51
N GLY A 31 10.89 -0.72 9.38
CA GLY A 31 11.54 -1.34 10.52
C GLY A 31 11.87 -0.32 11.59
N ARG A 32 12.28 0.87 11.17
CA ARG A 32 12.66 1.91 12.11
C ARG A 32 11.43 2.49 12.79
N ALA A 33 10.37 2.67 12.00
CA ALA A 33 9.11 3.16 12.51
C ALA A 33 8.59 2.24 13.59
N VAL A 34 8.78 0.93 13.38
CA VAL A 34 8.38 -0.08 14.34
C VAL A 34 9.21 0.05 15.62
N LYS A 35 10.53 0.05 15.48
CA LYS A 35 11.41 0.13 16.64
C LYS A 35 11.27 1.42 17.46
N HIS A 36 10.94 2.52 16.78
CA HIS A 36 10.71 3.79 17.47
C HIS A 36 9.27 3.93 17.91
N ASN A 37 8.48 2.86 17.78
CA ASN A 37 7.09 2.86 18.24
C ASN A 37 6.15 3.86 17.57
N LEU A 38 6.44 4.22 16.32
CA LEU A 38 5.50 5.02 15.54
C LEU A 38 4.54 4.07 14.83
N LEU A 39 4.97 2.83 14.66
CA LEU A 39 4.14 1.83 14.01
C LEU A 39 4.15 0.57 14.84
N LYS A 40 2.98 -0.04 14.95
CA LYS A 40 2.88 -1.33 15.62
C LYS A 40 2.06 -2.28 14.73
N VAL A 41 2.66 -3.42 14.42
CA VAL A 41 2.01 -4.44 13.61
C VAL A 41 1.86 -5.68 14.48
N GLU A 42 0.63 -6.04 14.80
CA GLU A 42 0.36 -7.19 15.66
C GLU A 42 -0.35 -8.27 14.86
N CYS A 43 0.22 -9.48 14.87
CA CYS A 43 -0.35 -10.59 14.09
C CYS A 43 -1.08 -11.64 14.91
N TRP A 44 -2.21 -12.08 14.38
CA TRP A 44 -2.93 -13.25 14.89
C TRP A 44 -3.06 -14.29 13.79
N ASN A 45 -2.71 -15.53 14.12
CA ASN A 45 -2.74 -16.62 13.16
C ASN A 45 -3.91 -17.58 13.41
N PRO A 46 -4.82 -17.69 12.42
CA PRO A 46 -5.99 -18.56 12.54
C PRO A 46 -5.61 -20.00 12.91
N ARG A 47 -4.39 -20.41 12.60
CA ARG A 47 -3.94 -21.73 13.01
C ARG A 47 -3.98 -21.86 14.53
N ASP A 48 -3.73 -20.78 15.25
CA ASP A 48 -3.75 -20.85 16.70
C ASP A 48 -5.15 -20.95 17.28
N PHE A 49 -6.16 -20.87 16.44
CA PHE A 49 -7.53 -20.83 16.94
C PHE A 49 -8.26 -22.09 16.55
N THR A 50 -7.54 -23.05 15.96
CA THR A 50 -8.17 -24.32 15.62
C THR A 50 -8.20 -25.18 16.88
N PHE A 51 -8.95 -26.28 16.85
CA PHE A 51 -9.02 -27.19 17.99
C PHE A 51 -8.79 -28.65 17.61
N ASP A 52 -8.83 -28.95 16.31
CA ASP A 52 -8.62 -30.32 15.87
C ASP A 52 -7.14 -30.68 15.91
N LYS A 53 -6.83 -31.97 15.92
CA LYS A 53 -5.45 -32.42 16.07
C LYS A 53 -4.54 -31.92 14.96
N HIS A 54 -5.10 -31.69 13.77
CA HIS A 54 -4.26 -31.29 12.64
C HIS A 54 -4.30 -29.80 12.31
N LYS A 55 -4.88 -29.00 13.20
CA LYS A 55 -4.84 -27.55 13.06
C LYS A 55 -5.33 -27.07 11.69
N THR A 56 -6.49 -27.58 11.29
CA THR A 56 -7.05 -27.33 9.98
C THR A 56 -7.56 -25.90 9.82
N VAL A 57 -7.11 -25.25 8.76
CA VAL A 57 -7.48 -23.87 8.53
C VAL A 57 -8.19 -23.66 7.19
N ASP A 58 -8.43 -24.75 6.45
CA ASP A 58 -9.17 -24.64 5.19
C ASP A 58 -10.41 -25.51 5.28
N ASP A 59 -11.29 -25.37 4.28
CA ASP A 59 -12.56 -26.08 4.26
C ASP A 59 -13.11 -26.14 2.84
N ARG A 60 -14.06 -27.06 2.59
CA ARG A 60 -14.58 -27.31 1.24
C ARG A 60 -15.66 -26.31 0.80
N PRO A 61 -15.55 -25.77 -0.41
CA PRO A 61 -16.55 -24.84 -0.94
C PRO A 61 -17.90 -25.51 -1.16
N TYR A 62 -18.96 -24.90 -0.66
CA TYR A 62 -20.30 -25.29 -1.05
C TYR A 62 -20.43 -25.12 -2.55
N GLY A 63 -21.02 -26.12 -3.20
CA GLY A 63 -21.31 -26.05 -4.62
C GLY A 63 -20.25 -26.71 -5.47
N GLY A 64 -19.26 -27.31 -4.83
CA GLY A 64 -18.18 -27.96 -5.56
C GLY A 64 -17.26 -26.88 -6.07
N GLY A 65 -16.22 -27.29 -6.79
CA GLY A 65 -15.26 -26.36 -7.32
C GLY A 65 -13.88 -26.93 -7.14
N PRO A 66 -12.87 -26.26 -7.70
CA PRO A 66 -11.48 -26.75 -7.61
C PRO A 66 -10.85 -26.64 -6.21
N GLY A 67 -10.84 -25.44 -5.62
CA GLY A 67 -10.04 -25.21 -4.42
C GLY A 67 -10.74 -25.29 -3.07
N MET A 68 -10.14 -24.60 -2.10
CA MET A 68 -10.65 -24.55 -0.74
C MET A 68 -10.88 -23.11 -0.33
N LEU A 69 -11.57 -22.90 0.79
CA LEU A 69 -11.63 -21.58 1.36
C LEU A 69 -10.97 -21.62 2.70
N MET A 70 -10.83 -20.47 3.33
CA MET A 70 -10.41 -20.48 4.71
CA MET A 70 -10.44 -20.41 4.73
C MET A 70 -11.55 -21.04 5.54
N MET A 71 -11.20 -21.81 6.56
CA MET A 71 -12.20 -22.38 7.42
C MET A 71 -12.76 -21.28 8.30
N VAL A 72 -14.08 -21.17 8.35
CA VAL A 72 -14.74 -20.06 9.03
C VAL A 72 -14.42 -19.91 10.54
N GLN A 73 -14.53 -21.00 11.30
CA GLN A 73 -14.33 -20.90 12.74
C GLN A 73 -12.95 -20.34 13.20
N PRO A 74 -11.83 -20.91 12.71
CA PRO A 74 -10.56 -20.34 13.18
C PRO A 74 -10.33 -18.92 12.65
N LEU A 75 -10.83 -18.65 11.45
CA LEU A 75 -10.65 -17.32 10.86
C LEU A 75 -11.47 -16.32 11.62
N ARG A 76 -12.73 -16.65 11.88
CA ARG A 76 -13.67 -15.78 12.63
C ARG A 76 -13.17 -15.48 14.04
N ASP A 77 -12.76 -16.52 14.76
CA ASP A 77 -12.18 -16.33 16.08
C ASP A 77 -10.93 -15.45 16.12
N ALA A 78 -10.03 -15.61 15.15
CA ALA A 78 -8.82 -14.77 15.11
C ALA A 78 -9.22 -13.30 14.96
N ILE A 79 -10.18 -13.05 14.08
CA ILE A 79 -10.66 -11.70 13.85
C ILE A 79 -11.23 -11.06 15.13
N HIS A 80 -11.99 -11.84 15.88
CA HIS A 80 -12.62 -11.33 17.10
C HIS A 80 -11.61 -10.98 18.17
N THR A 81 -10.58 -11.80 18.27
CA THR A 81 -9.53 -11.54 19.22
C THR A 81 -8.81 -10.24 18.87
N ALA A 82 -8.56 -10.02 17.58
CA ALA A 82 -7.88 -8.81 17.15
C ALA A 82 -8.71 -7.55 17.41
N LYS A 83 -10.02 -7.64 17.14
CA LYS A 83 -10.95 -6.53 17.43
C LYS A 83 -10.94 -6.15 18.90
N ALA A 84 -10.87 -7.15 19.76
CA ALA A 84 -10.86 -6.91 21.18
C ALA A 84 -9.55 -6.26 21.62
N ALA A 85 -8.48 -6.54 20.89
CA ALA A 85 -7.19 -5.92 21.18
C ALA A 85 -7.15 -4.48 20.71
N ALA A 86 -7.97 -4.14 19.73
CA ALA A 86 -7.90 -2.83 19.10
C ALA A 86 -8.75 -1.82 19.84
N GLY A 87 -9.72 -2.32 20.59
CA GLY A 87 -10.74 -1.47 21.17
C GLY A 87 -11.64 -0.91 20.08
N GLU A 88 -12.35 0.16 20.40
CA GLU A 88 -13.30 0.76 19.46
C GLU A 88 -12.55 1.52 18.39
N GLY A 89 -13.17 1.68 17.23
CA GLY A 89 -12.64 2.54 16.20
C GLY A 89 -11.66 1.95 15.19
N ALA A 90 -11.38 0.65 15.31
CA ALA A 90 -10.53 -0.02 14.34
C ALA A 90 -11.32 -0.41 13.11
N LYS A 91 -10.83 -0.02 11.93
CA LYS A 91 -11.44 -0.38 10.65
C LYS A 91 -10.89 -1.72 10.13
N VAL A 92 -11.77 -2.65 9.81
CA VAL A 92 -11.32 -3.95 9.31
C VAL A 92 -11.35 -3.99 7.79
N ILE A 93 -10.18 -4.24 7.20
CA ILE A 93 -10.01 -4.26 5.75
C ILE A 93 -9.67 -5.66 5.25
N TYR A 94 -10.36 -6.09 4.20
CA TYR A 94 -10.02 -7.31 3.46
C TYR A 94 -9.32 -6.99 2.16
N LEU A 95 -8.10 -7.48 1.99
CA LEU A 95 -7.38 -7.25 0.74
C LEU A 95 -7.84 -8.27 -0.29
N SER A 96 -8.37 -7.79 -1.41
CA SER A 96 -8.84 -8.67 -2.47
C SER A 96 -8.94 -7.94 -3.80
N PRO A 97 -8.84 -8.68 -4.92
CA PRO A 97 -9.12 -8.17 -6.26
C PRO A 97 -10.48 -7.49 -6.39
N GLN A 98 -11.47 -7.90 -5.62
CA GLN A 98 -12.82 -7.32 -5.71
C GLN A 98 -12.92 -5.96 -5.03
N GLY A 99 -11.87 -5.60 -4.29
CA GLY A 99 -11.88 -4.40 -3.49
C GLY A 99 -11.72 -3.10 -4.25
N ARG A 100 -11.95 -2.00 -3.55
CA ARG A 100 -11.64 -0.68 -4.07
C ARG A 100 -10.17 -0.60 -4.46
N LYS A 101 -9.90 -0.06 -5.63
CA LYS A 101 -8.53 0.04 -6.12
C LYS A 101 -7.73 1.01 -5.28
N LEU A 102 -6.60 0.56 -4.78
CA LEU A 102 -5.70 1.44 -4.06
C LEU A 102 -4.99 2.45 -4.98
N ASP A 103 -4.99 3.71 -4.57
CA ASP A 103 -4.14 4.71 -5.16
C ASP A 103 -3.81 5.69 -4.04
N GLN A 104 -3.00 6.71 -4.33
CA GLN A 104 -2.47 7.57 -3.27
C GLN A 104 -3.57 8.28 -2.47
N GLY A 105 -4.65 8.65 -3.14
CA GLY A 105 -5.78 9.27 -2.45
C GLY A 105 -6.34 8.31 -1.44
N GLY A 106 -6.41 7.03 -1.80
CA GLY A 106 -6.91 6.01 -0.90
C GLY A 106 -5.99 5.75 0.27
N VAL A 107 -4.69 5.76 -0.01
CA VAL A 107 -3.68 5.64 1.04
C VAL A 107 -3.81 6.78 2.07
N THR A 108 -3.95 8.02 1.60
CA THR A 108 -4.12 9.15 2.50
C THR A 108 -5.44 9.08 3.28
N GLU A 109 -6.47 8.54 2.63
CA GLU A 109 -7.70 8.24 3.35
C GLU A 109 -7.47 7.24 4.48
N LEU A 110 -6.90 6.08 4.14
CA LEU A 110 -6.67 5.00 5.11
C LEU A 110 -5.75 5.42 6.25
N ALA A 111 -4.80 6.30 5.96
CA ALA A 111 -3.86 6.79 6.97
C ALA A 111 -4.54 7.56 8.11
N GLN A 112 -5.72 8.09 7.86
CA GLN A 112 -6.46 8.84 8.87
C GLN A 112 -6.81 8.00 10.10
N ASN A 113 -7.08 6.72 9.87
CA ASN A 113 -7.37 5.78 10.95
C ASN A 113 -6.17 5.57 11.85
N GLN A 114 -6.41 5.46 13.15
CA GLN A 114 -5.33 5.23 14.10
C GLN A 114 -5.18 3.73 14.29
N LYS A 115 -6.25 2.98 13.99
CA LYS A 115 -6.21 1.53 14.08
C LYS A 115 -6.76 0.85 12.82
N LEU A 116 -6.00 -0.10 12.31
CA LEU A 116 -6.45 -0.96 11.21
C LEU A 116 -6.31 -2.43 11.56
N ILE A 117 -7.27 -3.22 11.10
CA ILE A 117 -7.13 -4.67 11.12
C ILE A 117 -7.11 -5.13 9.68
N LEU A 118 -6.03 -5.81 9.28
CA LEU A 118 -5.93 -6.33 7.92
C LEU A 118 -6.10 -7.85 7.89
N VAL A 119 -7.13 -8.31 7.18
CA VAL A 119 -7.40 -9.73 7.05
C VAL A 119 -6.82 -10.22 5.72
N CYS A 120 -5.95 -11.23 5.78
CA CYS A 120 -5.25 -11.73 4.58
C CYS A 120 -5.79 -13.07 4.15
N GLY A 121 -6.42 -13.10 2.98
CA GLY A 121 -7.00 -14.33 2.46
C GLY A 121 -5.97 -15.27 1.86
N ARG A 122 -6.18 -16.58 2.05
CA ARG A 122 -5.41 -17.60 1.36
C ARG A 122 -6.41 -18.59 0.73
N TYR A 123 -5.90 -19.62 0.04
CA TYR A 123 -6.74 -20.51 -0.77
C TYR A 123 -7.62 -19.71 -1.74
N GLU A 124 -8.88 -20.07 -1.92
CA GLU A 124 -9.74 -19.30 -2.81
CA GLU A 124 -9.76 -19.30 -2.80
C GLU A 124 -10.39 -18.11 -2.07
N GLY A 125 -9.96 -17.88 -0.82
CA GLY A 125 -10.43 -16.75 -0.04
C GLY A 125 -11.28 -17.03 1.20
N ILE A 126 -12.16 -16.11 1.53
CA ILE A 126 -13.00 -16.29 2.70
C ILE A 126 -14.47 -16.33 2.35
N ASP A 127 -15.23 -16.97 3.23
CA ASP A 127 -16.67 -17.10 3.07
C ASP A 127 -17.31 -15.72 2.87
N GLU A 128 -18.22 -15.61 1.91
CA GLU A 128 -18.88 -14.34 1.62
C GLU A 128 -19.53 -13.70 2.86
N ARG A 129 -20.09 -14.52 3.73
CA ARG A 129 -20.81 -14.00 4.89
C ARG A 129 -19.89 -13.30 5.89
N LEU A 130 -18.63 -13.74 5.99
CA LEU A 130 -17.68 -13.08 6.90
C LEU A 130 -17.38 -11.67 6.44
N ILE A 131 -17.39 -11.46 5.12
CA ILE A 131 -17.20 -10.12 4.59
C ILE A 131 -18.31 -9.22 5.09
N GLN A 132 -19.55 -9.70 5.05
CA GLN A 132 -20.70 -8.92 5.46
C GLN A 132 -20.72 -8.60 6.95
N THR A 133 -20.25 -9.54 7.77
CA THR A 133 -20.36 -9.41 9.22
C THR A 133 -19.07 -8.89 9.87
N GLU A 134 -17.91 -9.23 9.30
CA GLU A 134 -16.65 -8.91 9.96
C GLU A 134 -15.83 -7.83 9.25
N ILE A 135 -16.17 -7.49 8.02
CA ILE A 135 -15.30 -6.62 7.22
C ILE A 135 -15.94 -5.27 6.93
N ASP A 136 -15.20 -4.19 7.12
CA ASP A 136 -15.76 -2.87 6.83
C ASP A 136 -15.54 -2.46 5.38
N GLU A 137 -14.34 -2.66 4.87
CA GLU A 137 -13.99 -2.26 3.51
C GLU A 137 -13.11 -3.32 2.83
N GLU A 138 -13.39 -3.59 1.56
CA GLU A 138 -12.47 -4.34 0.71
C GLU A 138 -11.56 -3.40 -0.07
N TRP A 139 -10.27 -3.72 -0.13
CA TRP A 139 -9.36 -2.95 -0.98
C TRP A 139 -8.54 -3.86 -1.88
N SER A 140 -8.20 -3.36 -3.07
CA SER A 140 -7.26 -4.03 -3.95
C SER A 140 -6.06 -3.16 -4.23
N ILE A 141 -4.88 -3.75 -4.29
CA ILE A 141 -3.68 -3.00 -4.61
C ILE A 141 -3.51 -2.85 -6.11
N GLY A 142 -4.21 -3.68 -6.86
CA GLY A 142 -4.19 -3.58 -8.30
C GLY A 142 -4.90 -4.74 -8.96
N ASP A 143 -5.10 -4.62 -10.27
CA ASP A 143 -5.85 -5.63 -11.00
C ASP A 143 -4.96 -6.80 -11.35
N TYR A 144 -4.58 -7.56 -10.34
CA TYR A 144 -3.79 -8.77 -10.52
C TYR A 144 -3.97 -9.75 -9.36
N VAL A 145 -3.72 -11.03 -9.63
CA VAL A 145 -4.00 -12.06 -8.65
C VAL A 145 -2.72 -12.57 -8.02
N LEU A 146 -2.72 -12.67 -6.70
CA LEU A 146 -1.58 -13.15 -5.94
C LEU A 146 -1.94 -14.41 -5.14
N THR A 147 -0.99 -15.02 -4.45
CA THR A 147 -1.28 -16.26 -3.74
C THR A 147 -1.84 -16.01 -2.35
N GLY A 148 -1.75 -14.78 -1.89
CA GLY A 148 -2.17 -14.45 -0.54
C GLY A 148 -2.40 -12.98 -0.40
N GLY A 149 -3.15 -12.58 0.61
CA GLY A 149 -3.34 -11.17 0.90
C GLY A 149 -2.19 -10.56 1.70
N GLU A 150 -1.24 -11.37 2.14
CA GLU A 150 -0.08 -10.87 2.85
C GLU A 150 0.68 -9.73 2.13
N LEU A 151 1.12 -9.97 0.90
CA LEU A 151 1.81 -8.91 0.17
C LEU A 151 0.95 -7.66 -0.04
N PRO A 152 -0.35 -7.82 -0.40
CA PRO A 152 -1.13 -6.57 -0.47
C PRO A 152 -1.29 -5.90 0.90
N ALA A 153 -1.38 -6.69 1.98
CA ALA A 153 -1.43 -6.11 3.31
C ALA A 153 -0.14 -5.34 3.60
N MET A 154 1.01 -5.98 3.37
CA MET A 154 2.30 -5.35 3.62
C MET A 154 2.44 -4.07 2.80
N THR A 155 1.96 -4.12 1.56
CA THR A 155 2.02 -2.98 0.66
C THR A 155 1.23 -1.83 1.26
N LEU A 156 0.02 -2.13 1.71
CA LEU A 156 -0.83 -1.15 2.35
C LEU A 156 -0.14 -0.54 3.58
N ILE A 157 0.40 -1.40 4.45
CA ILE A 157 1.07 -0.96 5.65
C ILE A 157 2.22 -0.02 5.35
N ASP A 158 3.09 -0.39 4.40
CA ASP A 158 4.24 0.43 4.02
C ASP A 158 3.76 1.80 3.51
N ALA A 159 2.73 1.79 2.67
CA ALA A 159 2.23 3.02 2.08
C ALA A 159 1.66 4.01 3.12
N VAL A 160 0.82 3.54 4.03
CA VAL A 160 0.27 4.46 5.02
C VAL A 160 1.33 4.88 6.02
N ALA A 161 2.29 4.00 6.28
CA ALA A 161 3.36 4.31 7.24
C ALA A 161 4.11 5.59 6.87
N ARG A 162 4.23 5.83 5.56
CA ARG A 162 4.89 7.05 5.07
C ARG A 162 4.20 8.35 5.52
N PHE A 163 2.97 8.23 5.98
CA PHE A 163 2.21 9.39 6.39
C PHE A 163 2.21 9.63 7.89
N ILE A 164 2.86 8.75 8.63
CA ILE A 164 2.99 8.91 10.06
C ILE A 164 4.12 9.89 10.32
N PRO A 165 3.88 10.89 11.16
CA PRO A 165 4.92 11.88 11.43
C PRO A 165 6.13 11.22 12.07
N GLY A 166 7.32 11.55 11.61
CA GLY A 166 8.53 10.95 12.13
C GLY A 166 9.09 9.84 11.25
N VAL A 167 8.21 9.14 10.55
CA VAL A 167 8.64 8.00 9.74
C VAL A 167 9.68 8.39 8.66
N LEU A 168 9.41 9.44 7.90
CA LEU A 168 10.39 9.94 6.95
C LEU A 168 11.36 10.96 7.58
N GLY A 169 12.00 11.78 6.76
CA GLY A 169 12.85 12.86 7.24
C GLY A 169 12.27 14.22 6.89
N ASP A 181 1.97 14.92 -5.90
CA ASP A 181 0.98 15.96 -6.20
C ASP A 181 0.35 15.79 -7.59
N GLY A 182 0.17 14.53 -7.99
CA GLY A 182 -0.56 14.20 -9.19
C GLY A 182 0.32 13.83 -10.36
N LEU A 183 1.63 14.05 -10.23
CA LEU A 183 2.58 13.96 -11.34
C LEU A 183 3.69 12.91 -11.12
N LEU A 184 4.23 12.39 -12.20
CA LEU A 184 5.37 11.47 -12.11
C LEU A 184 6.59 12.25 -11.66
N ASP A 185 7.55 11.55 -11.05
CA ASP A 185 8.77 12.20 -10.61
C ASP A 185 9.62 12.65 -11.79
N CYS A 186 10.43 13.69 -11.59
CA CYS A 186 11.43 14.09 -12.57
C CYS A 186 12.61 13.13 -12.51
N PRO A 187 13.48 13.14 -13.55
CA PRO A 187 14.74 12.40 -13.51
C PRO A 187 15.65 12.86 -12.38
N HIS A 188 16.40 11.91 -11.80
CA HIS A 188 17.36 12.22 -10.75
C HIS A 188 18.77 11.93 -11.20
N TYR A 189 19.72 12.67 -10.69
CA TYR A 189 21.12 12.41 -11.02
C TYR A 189 22.06 12.52 -9.82
N THR A 190 23.00 11.60 -9.76
CA THR A 190 24.08 11.65 -8.79
C THR A 190 25.43 11.37 -9.50
N ARG A 191 26.50 11.20 -8.74
CA ARG A 191 27.83 10.98 -9.31
C ARG A 191 27.90 9.67 -10.09
N PRO A 192 28.71 9.63 -11.14
CA PRO A 192 29.56 10.71 -11.65
C PRO A 192 28.82 11.64 -12.63
N GLU A 193 29.45 12.78 -12.86
CA GLU A 193 29.01 13.77 -13.82
C GLU A 193 28.86 13.22 -15.25
N VAL A 194 29.68 12.24 -15.61
CA VAL A 194 29.57 11.55 -16.90
C VAL A 194 29.48 10.03 -16.69
N LEU A 195 28.42 9.41 -17.21
CA LEU A 195 28.22 7.98 -17.04
C LEU A 195 27.89 7.31 -18.38
N GLU A 196 28.77 6.43 -18.84
CA GLU A 196 28.72 5.84 -20.18
C GLU A 196 28.45 6.85 -21.29
N GLY A 197 29.02 8.04 -21.16
CA GLY A 197 28.87 9.10 -22.14
C GLY A 197 27.77 10.09 -21.81
N LEU A 198 26.80 9.64 -21.01
CA LEU A 198 25.67 10.47 -20.63
C LEU A 198 26.05 11.44 -19.53
N THR A 199 25.80 12.71 -19.78
CA THR A 199 26.16 13.75 -18.84
C THR A 199 24.97 14.20 -18.02
N VAL A 200 25.23 14.85 -16.91
CA VAL A 200 24.17 15.38 -16.08
C VAL A 200 23.74 16.70 -16.70
N PRO A 201 22.43 16.96 -16.74
CA PRO A 201 21.90 18.24 -17.27
C PRO A 201 22.45 19.45 -16.51
N PRO A 202 23.13 20.35 -17.24
CA PRO A 202 23.82 21.56 -16.75
C PRO A 202 23.01 22.40 -15.76
N VAL A 203 21.70 22.47 -15.93
CA VAL A 203 20.89 23.24 -15.00
C VAL A 203 21.05 22.73 -13.55
N LEU A 204 21.31 21.45 -13.38
CA LEU A 204 21.42 20.89 -12.03
C LEU A 204 22.78 21.18 -11.39
N MET A 205 23.73 21.64 -12.20
CA MET A 205 25.06 22.00 -11.71
C MET A 205 25.18 23.51 -11.50
N SER A 206 24.23 24.24 -12.07
CA SER A 206 24.31 25.69 -12.16
C SER A 206 24.18 26.35 -10.80
N GLY A 207 23.53 25.67 -9.87
CA GLY A 207 23.35 26.22 -8.55
C GLY A 207 22.18 27.17 -8.44
N HIS A 208 21.57 27.49 -9.58
CA HIS A 208 20.43 28.39 -9.58
C HIS A 208 19.16 27.64 -9.16
N HIS A 209 18.85 27.77 -7.88
CA HIS A 209 17.72 27.08 -7.26
C HIS A 209 16.41 27.18 -8.04
N GLU A 210 16.00 28.42 -8.35
CA GLU A 210 14.74 28.63 -9.05
C GLU A 210 14.72 28.08 -10.49
N GLU A 211 15.85 28.13 -11.20
CA GLU A 211 15.90 27.48 -12.51
C GLU A 211 15.78 25.96 -12.35
N ILE A 212 16.36 25.44 -11.28
CA ILE A 212 16.32 24.01 -11.03
C ILE A 212 14.90 23.56 -10.69
N ARG A 213 14.20 24.33 -9.86
CA ARG A 213 12.82 24.00 -9.51
C ARG A 213 11.95 23.89 -10.75
N LYS A 214 12.14 24.82 -11.68
CA LYS A 214 11.29 24.87 -12.87
C LYS A 214 11.58 23.74 -13.85
N TRP A 215 12.85 23.36 -13.96
CA TRP A 215 13.23 22.26 -14.84
C TRP A 215 12.64 20.94 -14.34
N ARG A 216 12.79 20.67 -13.05
CA ARG A 216 12.22 19.47 -12.44
C ARG A 216 10.72 19.39 -12.64
N LEU A 217 10.06 20.54 -12.51
CA LEU A 217 8.62 20.62 -12.64
C LEU A 217 8.21 20.41 -14.08
N LYS A 218 8.95 21.02 -15.00
CA LYS A 218 8.68 20.81 -16.42
C LYS A 218 8.83 19.32 -16.78
N GLN A 219 9.94 18.73 -16.34
CA GLN A 219 10.18 17.32 -16.51
C GLN A 219 9.00 16.45 -16.03
N SER A 220 8.53 16.69 -14.80
CA SER A 220 7.40 15.94 -14.25
C SER A 220 6.18 16.06 -15.15
N LEU A 221 5.91 17.30 -15.60
CA LEU A 221 4.77 17.55 -16.45
C LEU A 221 4.97 16.84 -17.77
N GLN A 222 6.17 16.94 -18.34
CA GLN A 222 6.46 16.23 -19.58
C GLN A 222 6.39 14.70 -19.43
N ARG A 223 6.94 14.19 -18.33
CA ARG A 223 6.96 12.75 -18.09
C ARG A 223 5.54 12.22 -17.87
N THR A 224 4.75 12.96 -17.09
CA THR A 224 3.36 12.60 -16.83
C THR A 224 2.59 12.56 -18.13
N TRP A 225 2.81 13.58 -18.97
CA TRP A 225 2.16 13.72 -20.28
C TRP A 225 2.44 12.60 -21.26
N LEU A 226 3.69 12.18 -21.35
CA LEU A 226 4.09 11.13 -22.29
C LEU A 226 3.81 9.70 -21.79
N ARG A 227 3.91 9.48 -20.48
CA ARG A 227 3.73 8.13 -19.94
C ARG A 227 2.31 7.85 -19.47
N ARG A 228 1.66 8.85 -18.87
CA ARG A 228 0.38 8.65 -18.19
C ARG A 228 -0.55 9.84 -18.36
N PRO A 229 -0.94 10.13 -19.62
CA PRO A 229 -1.69 11.33 -20.00
C PRO A 229 -2.97 11.49 -19.20
N GLU A 230 -3.61 10.38 -18.88
CA GLU A 230 -4.88 10.42 -18.19
C GLU A 230 -4.73 11.00 -16.79
N LEU A 231 -3.54 10.86 -16.19
CA LEU A 231 -3.28 11.45 -14.87
C LEU A 231 -3.37 12.99 -14.92
N LEU A 232 -3.09 13.56 -16.09
CA LEU A 232 -3.13 15.02 -16.26
C LEU A 232 -4.56 15.56 -16.28
N GLU A 233 -5.51 14.71 -16.64
CA GLU A 233 -6.90 15.13 -16.74
C GLU A 233 -7.52 15.39 -15.37
N GLY A 234 -7.05 14.66 -14.36
CA GLY A 234 -7.58 14.82 -13.03
C GLY A 234 -7.10 16.10 -12.37
N LEU A 235 -6.08 16.72 -12.94
CA LEU A 235 -5.46 17.86 -12.32
C LEU A 235 -5.96 19.20 -12.84
N ALA A 236 -6.08 20.16 -11.93
CA ALA A 236 -6.31 21.54 -12.28
C ALA A 236 -4.95 22.23 -12.19
N LEU A 237 -4.25 22.25 -13.31
CA LEU A 237 -2.89 22.76 -13.35
C LEU A 237 -2.80 24.24 -13.02
N THR A 238 -1.69 24.66 -12.44
CA THR A 238 -1.43 26.07 -12.20
C THR A 238 -1.04 26.76 -13.51
N ASP A 239 -1.03 28.08 -13.51
CA ASP A 239 -0.58 28.84 -14.68
C ASP A 239 0.85 28.43 -15.03
N GLU A 240 1.69 28.35 -14.01
CA GLU A 240 3.06 27.95 -14.22
C GLU A 240 3.08 26.58 -14.87
N GLN A 241 2.33 25.65 -14.28
CA GLN A 241 2.28 24.30 -14.80
C GLN A 241 1.72 24.24 -16.21
N ARG A 242 0.68 25.02 -16.50
CA ARG A 242 0.15 25.10 -17.87
C ARG A 242 1.23 25.62 -18.83
N LYS A 243 1.94 26.66 -18.42
CA LYS A 243 3.02 27.20 -19.22
C LYS A 243 4.10 26.13 -19.45
N LEU A 244 4.58 25.53 -18.37
CA LEU A 244 5.65 24.54 -18.44
C LEU A 244 5.24 23.28 -19.22
N LEU A 245 3.98 22.88 -19.11
CA LEU A 245 3.48 21.79 -19.93
C LEU A 245 3.43 22.15 -21.42
N LYS A 246 2.89 23.33 -21.74
CA LYS A 246 2.81 23.83 -23.12
C LYS A 246 4.19 23.83 -23.76
N GLU A 247 5.17 24.37 -23.05
CA GLU A 247 6.57 24.40 -23.49
C GLU A 247 7.10 23.02 -23.84
N ALA A 248 7.06 22.11 -22.86
CA ALA A 248 7.50 20.74 -23.07
C ALA A 248 6.88 20.12 -24.32
N GLN A 249 5.58 20.30 -24.46
CA GLN A 249 4.87 19.83 -25.65
C GLN A 249 5.35 20.50 -26.95
N ALA A 250 5.66 21.79 -26.89
CA ALA A 250 6.18 22.49 -28.06
C ALA A 250 7.50 21.87 -28.49
N GLU A 251 8.37 21.63 -27.52
CA GLU A 251 9.69 21.07 -27.76
C GLU A 251 9.61 19.63 -28.26
N HIS A 252 8.48 18.98 -28.00
CA HIS A 252 8.34 17.60 -28.44
C HIS A 252 8.00 17.51 -29.92
N ASN A 253 7.43 18.57 -30.47
CA ASN A 253 6.96 18.56 -31.86
C ASN A 253 7.87 19.30 -32.82
C12 4H6 B . -9.19 -12.45 -1.50
C13 4H6 B . -9.77 -13.34 -2.36
C5 4H6 B . -5.37 -9.38 -2.76
C11 4H6 B . -7.82 -12.43 -1.36
C14 4H6 B . -9.00 -14.20 -3.08
C6 4H6 B . -5.34 -10.72 -2.50
C23 4H6 B . -4.67 -9.91 -4.95
C4 4H6 B . -5.03 -8.98 -4.02
C10 4H6 B . -7.05 -13.28 -2.09
C15 4H6 B . -7.63 -14.18 -2.95
C7 4H6 B . -4.96 -11.61 -3.48
C2 4H6 B . -5.03 -7.58 -4.39
C17 4H6 B . -6.56 -16.25 -2.96
C21 4H6 B . -7.35 -15.29 -4.99
C18 4H6 B . -5.44 -16.89 -3.73
C20 4H6 B . -6.24 -15.98 -5.74
C9 4H6 B . -5.57 -13.24 -1.93
N22 4H6 B . -4.63 -11.21 -4.71
N16 4H6 B . -6.84 -15.04 -3.67
N1 4H6 B . -4.86 -7.38 -5.72
N8 4H6 B . -4.93 -12.97 -3.20
O3 4H6 B . -5.20 -6.70 -3.56
O19 4H6 B . -5.83 -17.16 -5.06
#